data_3E4G
#
_entry.id   3E4G
#
_cell.length_a   107.476
_cell.length_b   50.010
_cell.length_c   36.886
_cell.angle_alpha   90.000
_cell.angle_beta   109.370
_cell.angle_gamma   90.000
#
_symmetry.space_group_name_H-M   'C 1 2 1'
#
loop_
_entity.id
_entity.type
_entity.pdbx_description
1 polymer 'ATP synthase subunit s, mitochondrial'
2 non-polymer 'MAGNESIUM ION'
3 non-polymer 2-AMINO-2-HYDROXYMETHYL-PROPANE-1,3-DIOL
4 water water
#
_entity_poly.entity_id   1
_entity_poly.type   'polypeptide(L)'
_entity_poly.pdbx_seq_one_letter_code
;SFWEWLNAVFNKVDHDRIRDVGPDRAASEWLLRCGAMVRYHGQQRWQKDYNHLPTGPLDKYKIQAIDATDSCIMSIGFDH
MEGLQYVEKIRLCKCHYIEDGCLERLSQLENLQKSMLEMEIISCGNVTDKGIIALHHFRNLKYLFLSDLPGVKEKEKIVQ
AFKTSLPSLELKLDLK
;
_entity_poly.pdbx_strand_id   A
#
loop_
_chem_comp.id
_chem_comp.type
_chem_comp.name
_chem_comp.formula
MG non-polymer 'MAGNESIUM ION' 'Mg 2'
TRS non-polymer 2-AMINO-2-HYDROXYMETHYL-PROPANE-1,3-DIOL 'C4 H12 N O3 1'
#
# COMPACT_ATOMS: atom_id res chain seq x y z
N SER A 1 -10.90 -5.77 -22.81
CA SER A 1 -11.98 -4.77 -22.83
C SER A 1 -11.43 -3.39 -22.62
N PHE A 2 -12.28 -2.44 -22.90
CA PHE A 2 -11.95 -1.04 -22.63
C PHE A 2 -11.69 -0.83 -21.14
N TRP A 3 -12.52 -1.41 -20.25
CA TRP A 3 -12.36 -1.16 -18.81
C TRP A 3 -11.02 -1.75 -18.33
N GLU A 4 -10.61 -2.91 -18.84
CA GLU A 4 -9.31 -3.45 -18.49
C GLU A 4 -8.21 -2.55 -18.89
N TRP A 5 -8.27 -2.03 -20.12
CA TRP A 5 -7.25 -1.09 -20.60
C TRP A 5 -7.24 0.17 -19.67
N LEU A 6 -8.40 0.67 -19.37
CA LEU A 6 -8.48 1.89 -18.59
C LEU A 6 -7.83 1.69 -17.21
N ASN A 7 -8.15 0.56 -16.53
CA ASN A 7 -7.52 0.31 -15.24
CA ASN A 7 -7.52 0.33 -15.25
C ASN A 7 -6.03 0.18 -15.38
N ALA A 8 -5.58 -0.49 -16.45
CA ALA A 8 -4.18 -0.66 -16.64
C ALA A 8 -3.49 0.70 -16.84
N VAL A 9 -4.01 1.58 -17.66
CA VAL A 9 -3.34 2.84 -17.89
C VAL A 9 -3.43 3.76 -16.66
N PHE A 10 -4.46 3.62 -15.84
CA PHE A 10 -4.48 4.35 -14.56
C PHE A 10 -3.29 3.93 -13.69
N ASN A 11 -2.93 2.68 -13.77
CA ASN A 11 -1.85 2.11 -12.93
C ASN A 11 -0.47 2.22 -13.53
N LYS A 12 -0.33 2.27 -14.85
CA LYS A 12 0.98 2.14 -15.48
C LYS A 12 1.92 3.26 -15.08
N VAL A 13 3.15 2.93 -14.76
CA VAL A 13 4.16 3.92 -14.43
C VAL A 13 4.61 4.66 -15.65
N ASP A 14 4.70 5.96 -15.54
CA ASP A 14 5.39 6.81 -16.56
C ASP A 14 6.75 7.25 -15.97
N HIS A 15 7.80 6.57 -16.43
CA HIS A 15 9.13 6.81 -15.85
C HIS A 15 9.64 8.20 -16.16
N ASP A 16 9.16 8.79 -17.26
CA ASP A 16 9.51 10.17 -17.57
C ASP A 16 8.95 11.08 -16.49
N ARG A 17 7.77 10.78 -16.02
CA ARG A 17 7.19 11.57 -15.03
C ARG A 17 7.99 11.48 -13.68
N ILE A 18 8.37 10.28 -13.32
CA ILE A 18 9.25 10.06 -12.15
C ILE A 18 10.52 10.88 -12.28
N ARG A 19 11.11 10.91 -13.48
CA ARG A 19 12.35 11.67 -13.71
C ARG A 19 12.10 13.12 -13.47
N ASP A 20 10.97 13.63 -13.97
CA ASP A 20 10.66 15.07 -13.99
C ASP A 20 10.28 15.62 -12.63
N VAL A 21 9.47 14.91 -11.86
CA VAL A 21 8.92 15.43 -10.63
C VAL A 21 9.28 14.65 -9.38
N GLY A 22 9.96 13.54 -9.59
CA GLY A 22 10.44 12.72 -8.48
C GLY A 22 9.41 11.63 -8.09
N PRO A 23 9.90 10.59 -7.42
CA PRO A 23 9.03 9.46 -7.06
C PRO A 23 7.84 9.87 -6.23
N ASP A 24 8.01 10.71 -5.20
CA ASP A 24 6.87 11.00 -4.31
C ASP A 24 5.74 11.69 -5.06
N ARG A 25 6.06 12.67 -5.90
CA ARG A 25 5.01 13.37 -6.63
C ARG A 25 4.36 12.40 -7.63
N ALA A 26 5.17 11.62 -8.35
CA ALA A 26 4.62 10.71 -9.35
C ALA A 26 3.70 9.68 -8.66
N ALA A 27 4.12 9.17 -7.50
CA ALA A 27 3.29 8.20 -6.78
C ALA A 27 2.05 8.84 -6.24
N SER A 28 2.14 10.11 -5.78
CA SER A 28 0.97 10.82 -5.32
C SER A 28 -0.08 10.93 -6.43
N GLU A 29 0.39 11.25 -7.62
CA GLU A 29 -0.50 11.37 -8.81
C GLU A 29 -1.16 10.02 -9.08
N TRP A 30 -0.39 8.95 -9.11
CA TRP A 30 -0.92 7.59 -9.31
C TRP A 30 -2.00 7.27 -8.25
N LEU A 31 -1.65 7.49 -6.99
CA LEU A 31 -2.60 7.12 -5.92
C LEU A 31 -3.88 7.93 -6.04
N LEU A 32 -3.76 9.26 -6.18
CA LEU A 32 -5.01 10.03 -6.18
CA LEU A 32 -4.96 10.11 -6.24
C LEU A 32 -5.81 9.78 -7.47
N ARG A 33 -5.17 9.59 -8.63
CA ARG A 33 -5.97 9.33 -9.84
C ARG A 33 -6.71 8.00 -9.71
N CYS A 34 -6.17 7.06 -8.90
CA CYS A 34 -6.75 5.77 -8.66
C CYS A 34 -7.67 5.75 -7.44
N GLY A 35 -8.07 6.92 -6.91
CA GLY A 35 -9.03 6.94 -5.81
C GLY A 35 -8.44 6.64 -4.46
N ALA A 36 -7.14 6.81 -4.27
CA ALA A 36 -6.49 6.72 -2.99
C ALA A 36 -6.13 8.14 -2.48
N MET A 37 -5.60 8.19 -1.30
CA MET A 37 -5.18 9.47 -0.65
C MET A 37 -3.76 9.24 -0.09
N VAL A 38 -3.04 10.35 0.03
CA VAL A 38 -1.70 10.31 0.66
C VAL A 38 -1.59 11.47 1.66
N ARG A 39 -0.69 11.30 2.62
CA ARG A 39 -0.38 12.38 3.57
C ARG A 39 1.13 12.48 3.65
N TYR A 40 1.62 13.71 3.51
CA TYR A 40 3.09 13.94 3.53
C TYR A 40 3.60 14.10 4.96
N HIS A 41 4.89 13.68 5.10
CA HIS A 41 5.62 14.02 6.33
C HIS A 41 5.49 15.51 6.58
N GLY A 42 5.22 15.80 7.88
CA GLY A 42 5.13 17.20 8.35
C GLY A 42 3.81 17.84 8.14
N GLN A 43 2.82 17.14 7.55
CA GLN A 43 1.50 17.72 7.33
CA GLN A 43 1.50 17.68 7.28
C GLN A 43 0.45 16.88 8.04
N GLN A 44 -0.50 17.62 8.63
CA GLN A 44 -1.64 16.99 9.26
C GLN A 44 -2.75 16.62 8.24
N ARG A 45 -2.93 17.42 7.25
CA ARG A 45 -4.02 17.21 6.31
C ARG A 45 -3.59 16.23 5.21
N TRP A 46 -4.61 15.50 4.76
CA TRP A 46 -4.45 14.55 3.63
C TRP A 46 -4.66 15.20 2.30
N GLN A 47 -3.95 14.65 1.30
CA GLN A 47 -4.19 14.94 -0.11
C GLN A 47 -5.31 13.99 -0.60
N LYS A 48 -6.42 14.57 -0.95
CA LYS A 48 -7.55 13.73 -1.45
C LYS A 48 -8.04 14.11 -2.75
N ASP A 49 -7.75 15.29 -3.29
CA ASP A 49 -8.17 15.73 -4.65
C ASP A 49 -6.92 15.90 -5.52
N TYR A 50 -6.87 15.18 -6.64
CA TYR A 50 -5.73 15.22 -7.55
C TYR A 50 -5.32 16.65 -7.90
N ASN A 51 -6.36 17.49 -8.18
CA ASN A 51 -6.07 18.84 -8.68
C ASN A 51 -5.48 19.74 -7.62
N HIS A 52 -5.53 19.35 -6.36
CA HIS A 52 -4.97 20.15 -5.26
C HIS A 52 -3.65 19.70 -4.75
N LEU A 53 -3.02 18.72 -5.42
CA LEU A 53 -1.67 18.34 -5.02
C LEU A 53 -0.75 19.55 -5.10
N PRO A 54 0.25 19.64 -4.26
CA PRO A 54 1.17 20.80 -4.34
C PRO A 54 2.05 20.67 -5.74
N THR A 55 2.33 21.90 -6.16
CA THR A 55 3.12 22.11 -7.37
C THR A 55 4.55 22.40 -6.97
N GLY A 56 4.60 23.27 -5.94
CA GLY A 56 5.66 23.54 -4.90
C GLY A 56 7.04 23.16 -5.26
N PRO A 57 7.97 23.30 -4.24
CA PRO A 57 9.30 22.97 -4.66
C PRO A 57 9.47 21.56 -5.01
N LEU A 58 10.36 21.39 -6.00
CA LEU A 58 10.66 20.09 -6.57
C LEU A 58 11.07 19.07 -5.53
N ASP A 59 10.28 17.99 -5.47
CA ASP A 59 10.59 16.80 -4.68
C ASP A 59 10.68 17.08 -3.18
N LYS A 60 10.01 18.13 -2.73
CA LYS A 60 10.05 18.50 -1.30
C LYS A 60 9.19 17.55 -0.39
N TYR A 61 7.97 17.31 -0.83
CA TYR A 61 6.93 16.57 -0.08
C TYR A 61 7.19 15.07 -0.22
N LYS A 62 7.22 14.42 0.93
CA LYS A 62 7.53 12.98 1.00
C LYS A 62 6.35 12.26 1.61
N ILE A 63 5.87 11.22 0.92
CA ILE A 63 4.74 10.44 1.45
C ILE A 63 5.10 9.77 2.76
N GLN A 64 4.29 9.99 3.78
CA GLN A 64 4.38 9.26 5.04
C GLN A 64 3.33 8.17 5.14
N ALA A 65 2.09 8.47 4.70
CA ALA A 65 0.97 7.56 4.87
C ALA A 65 0.17 7.53 3.58
N ILE A 66 -0.38 6.34 3.31
CA ILE A 66 -1.24 6.07 2.15
C ILE A 66 -2.51 5.48 2.66
N ASP A 67 -3.67 5.96 2.16
CA ASP A 67 -4.97 5.42 2.50
C ASP A 67 -5.69 5.15 1.20
N ALA A 68 -5.65 3.92 0.72
CA ALA A 68 -6.30 3.51 -0.52
C ALA A 68 -7.57 2.80 -0.16
N THR A 69 -8.67 3.54 -0.15
CA THR A 69 -10.01 3.00 0.13
C THR A 69 -10.83 3.14 -1.12
N ASP A 70 -11.49 2.04 -1.53
CA ASP A 70 -12.33 2.08 -2.74
C ASP A 70 -11.49 2.60 -3.91
N SER A 71 -10.31 2.00 -4.08
CA SER A 71 -9.31 2.42 -5.06
C SER A 71 -9.12 1.35 -6.12
N CYS A 72 -8.69 1.77 -7.31
CA CYS A 72 -8.40 0.81 -8.42
C CYS A 72 -6.96 0.48 -8.56
N ILE A 73 -6.12 0.73 -7.56
CA ILE A 73 -4.72 0.35 -7.65
C ILE A 73 -4.61 -1.17 -7.77
N MET A 74 -3.56 -1.56 -8.55
CA MET A 74 -3.28 -3.01 -8.74
C MET A 74 -1.91 -3.21 -9.25
N SER A 75 -1.35 -4.36 -8.98
CA SER A 75 -0.19 -4.93 -9.60
C SER A 75 0.90 -3.97 -9.94
N ILE A 76 1.16 -3.80 -11.22
CA ILE A 76 2.32 -3.02 -11.61
C ILE A 76 2.12 -1.53 -11.24
N GLY A 77 0.92 -1.05 -10.84
CA GLY A 77 0.85 0.30 -10.29
C GLY A 77 1.79 0.48 -9.09
N PHE A 78 1.98 -0.61 -8.33
CA PHE A 78 2.86 -0.53 -7.17
C PHE A 78 4.31 -0.32 -7.52
N ASP A 79 4.70 -0.43 -8.78
CA ASP A 79 6.04 -0.02 -9.17
C ASP A 79 6.28 1.48 -8.91
N HIS A 80 5.22 2.27 -8.78
CA HIS A 80 5.41 3.66 -8.36
C HIS A 80 6.03 3.77 -6.94
N MET A 81 5.96 2.71 -6.20
CA MET A 81 6.43 2.65 -4.76
CA MET A 81 6.49 2.83 -4.83
C MET A 81 8.00 2.58 -4.76
N GLU A 82 8.62 2.21 -5.87
CA GLU A 82 10.04 1.81 -5.86
C GLU A 82 10.94 2.86 -5.33
N GLY A 83 10.69 4.11 -5.63
CA GLY A 83 11.60 5.24 -5.27
C GLY A 83 11.29 5.94 -3.96
N LEU A 84 10.25 5.49 -3.25
CA LEU A 84 9.78 6.20 -2.04
C LEU A 84 10.58 5.76 -0.85
N GLN A 85 11.13 6.74 -0.08
CA GLN A 85 12.04 6.41 1.01
C GLN A 85 11.44 6.47 2.38
N TYR A 86 10.27 7.07 2.56
CA TYR A 86 9.81 7.44 3.89
C TYR A 86 8.39 6.97 4.19
N VAL A 87 7.86 5.99 3.45
CA VAL A 87 6.47 5.52 3.69
C VAL A 87 6.42 4.66 4.93
N GLU A 88 5.61 5.08 5.89
CA GLU A 88 5.51 4.41 7.15
C GLU A 88 4.18 3.69 7.40
N LYS A 89 3.10 4.17 6.76
CA LYS A 89 1.74 3.66 7.00
C LYS A 89 1.08 3.43 5.66
N ILE A 90 0.49 2.21 5.49
CA ILE A 90 -0.33 1.93 4.32
C ILE A 90 -1.61 1.26 4.77
N ARG A 91 -2.74 1.79 4.30
N ARG A 91 -2.74 1.81 4.30
CA ARG A 91 -4.05 1.17 4.48
CA ARG A 91 -4.07 1.20 4.46
C ARG A 91 -4.59 0.85 3.09
C ARG A 91 -4.59 0.84 3.07
N LEU A 92 -5.00 -0.40 2.94
CA LEU A 92 -5.66 -0.91 1.70
C LEU A 92 -7.06 -1.37 2.17
N CYS A 93 -8.09 -0.70 1.75
CA CYS A 93 -9.46 -0.99 2.22
C CYS A 93 -10.37 -1.00 1.01
N LYS A 94 -11.08 -2.11 0.81
CA LYS A 94 -12.05 -2.19 -0.31
C LYS A 94 -11.30 -1.84 -1.62
N CYS A 95 -10.10 -2.46 -1.76
CA CYS A 95 -9.30 -2.38 -3.02
C CYS A 95 -9.57 -3.68 -3.74
N HIS A 96 -10.59 -3.67 -4.61
CA HIS A 96 -11.12 -4.92 -5.18
C HIS A 96 -10.19 -5.57 -6.16
N TYR A 97 -9.19 -4.87 -6.67
CA TYR A 97 -8.27 -5.43 -7.66
C TYR A 97 -7.00 -5.93 -7.05
N ILE A 98 -6.70 -5.62 -5.79
CA ILE A 98 -5.47 -6.09 -5.09
CA ILE A 98 -5.39 -6.12 -5.34
C ILE A 98 -5.49 -7.60 -5.06
N GLU A 99 -4.35 -8.22 -5.16
CA GLU A 99 -4.19 -9.66 -5.00
C GLU A 99 -2.87 -9.93 -4.22
N ASP A 100 -2.64 -11.20 -3.98
CA ASP A 100 -1.40 -11.63 -3.33
C ASP A 100 -0.17 -11.09 -4.05
N GLY A 101 -0.22 -11.09 -5.39
CA GLY A 101 0.95 -10.63 -6.12
C GLY A 101 1.27 -9.14 -5.84
N CYS A 102 0.27 -8.34 -5.53
CA CYS A 102 0.48 -6.92 -5.19
C CYS A 102 1.26 -6.84 -3.87
N LEU A 103 0.82 -7.65 -2.88
CA LEU A 103 1.46 -7.68 -1.56
C LEU A 103 2.89 -8.21 -1.66
N GLU A 104 3.10 -9.24 -2.52
CA GLU A 104 4.41 -9.79 -2.79
C GLU A 104 5.30 -8.68 -3.38
N ARG A 105 4.83 -7.98 -4.40
CA ARG A 105 5.60 -6.92 -5.02
C ARG A 105 6.03 -5.86 -4.00
N LEU A 106 5.06 -5.46 -3.17
CA LEU A 106 5.37 -4.46 -2.08
C LEU A 106 6.44 -4.99 -1.14
N SER A 107 6.28 -6.25 -0.73
CA SER A 107 7.15 -6.84 0.31
C SER A 107 8.60 -6.89 -0.15
N GLN A 108 8.84 -6.96 -1.46
CA GLN A 108 10.18 -7.07 -2.04
C GLN A 108 10.91 -5.77 -2.26
N LEU A 109 10.20 -4.63 -2.00
CA LEU A 109 10.83 -3.32 -2.18
C LEU A 109 11.64 -3.03 -0.91
N GLU A 110 12.98 -3.02 -1.02
CA GLU A 110 13.83 -2.81 0.16
C GLU A 110 13.56 -1.47 0.80
N ASN A 111 13.25 -0.47 -0.02
CA ASN A 111 12.93 0.86 0.50
C ASN A 111 11.75 0.80 1.46
N LEU A 112 10.71 0.01 1.12
CA LEU A 112 9.56 -0.15 2.02
C LEU A 112 9.90 -1.01 3.20
N GLN A 113 10.71 -2.08 3.00
CA GLN A 113 11.13 -2.91 4.15
C GLN A 113 11.79 -2.01 5.22
N LYS A 114 12.59 -1.04 4.78
CA LYS A 114 13.31 -0.16 5.73
C LYS A 114 12.41 0.77 6.47
N SER A 115 11.35 1.28 5.84
CA SER A 115 10.56 2.37 6.43
C SER A 115 9.24 1.93 7.03
N MET A 116 8.64 0.81 6.59
CA MET A 116 7.26 0.51 6.96
C MET A 116 7.11 0.19 8.42
N LEU A 117 6.12 0.83 9.03
CA LEU A 117 5.77 0.65 10.44
C LEU A 117 4.37 0.07 10.67
N GLU A 118 3.43 0.42 9.80
CA GLU A 118 2.02 0.11 10.06
CA GLU A 118 2.03 0.05 10.06
C GLU A 118 1.34 -0.26 8.73
N MET A 119 0.59 -1.36 8.75
N MET A 119 0.58 -1.37 8.75
CA MET A 119 -0.24 -1.66 7.57
CA MET A 119 -0.14 -1.84 7.53
C MET A 119 -1.57 -2.20 8.01
C MET A 119 -1.54 -2.27 7.97
N GLU A 120 -2.54 -1.90 7.16
CA GLU A 120 -3.95 -2.29 7.42
C GLU A 120 -4.50 -2.83 6.08
N ILE A 121 -5.11 -3.98 6.13
CA ILE A 121 -5.69 -4.61 4.90
C ILE A 121 -7.09 -5.05 5.29
N ILE A 122 -8.07 -4.42 4.66
CA ILE A 122 -9.49 -4.52 5.10
C ILE A 122 -10.33 -4.75 3.87
N SER A 123 -11.14 -5.82 3.89
CA SER A 123 -12.17 -5.99 2.83
C SER A 123 -11.55 -5.93 1.44
N CYS A 124 -10.40 -6.60 1.27
CA CYS A 124 -9.78 -6.81 -0.06
C CYS A 124 -9.97 -8.28 -0.36
N GLY A 125 -11.03 -8.61 -1.10
CA GLY A 125 -11.53 -9.99 -1.14
C GLY A 125 -10.62 -10.97 -1.74
N ASN A 126 -9.65 -10.59 -2.61
CA ASN A 126 -8.78 -11.60 -3.19
C ASN A 126 -7.65 -12.04 -2.28
N VAL A 127 -7.29 -11.27 -1.24
CA VAL A 127 -6.07 -11.55 -0.49
C VAL A 127 -6.21 -12.86 0.23
N THR A 128 -5.13 -13.64 0.16
CA THR A 128 -5.10 -14.93 0.88
C THR A 128 -3.97 -14.96 1.85
N ASP A 129 -3.85 -16.11 2.53
CA ASP A 129 -2.76 -16.34 3.46
C ASP A 129 -1.42 -16.06 2.81
N LYS A 130 -1.24 -16.41 1.55
CA LYS A 130 0.05 -16.20 0.87
C LYS A 130 0.47 -14.75 0.82
N GLY A 131 -0.46 -13.87 0.48
CA GLY A 131 -0.13 -12.47 0.42
C GLY A 131 0.21 -11.90 1.78
N ILE A 132 -0.54 -12.34 2.79
CA ILE A 132 -0.26 -11.86 4.16
C ILE A 132 1.11 -12.28 4.60
N ILE A 133 1.47 -13.55 4.39
CA ILE A 133 2.72 -14.05 4.91
C ILE A 133 3.92 -13.31 4.24
N ALA A 134 3.76 -12.84 3.00
CA ALA A 134 4.76 -12.07 2.36
C ALA A 134 5.20 -10.79 3.15
N LEU A 135 4.26 -10.28 3.95
CA LEU A 135 4.53 -9.05 4.73
C LEU A 135 5.57 -9.22 5.80
N HIS A 136 5.98 -10.47 6.06
CA HIS A 136 7.07 -10.67 7.05
C HIS A 136 8.37 -9.96 6.62
N HIS A 137 8.53 -9.63 5.36
CA HIS A 137 9.74 -8.90 4.94
C HIS A 137 9.73 -7.47 5.46
N PHE A 138 8.61 -6.93 5.91
CA PHE A 138 8.54 -5.60 6.55
C PHE A 138 9.03 -5.75 7.96
N ARG A 139 10.38 -5.83 8.07
CA ARG A 139 11.04 -6.24 9.32
C ARG A 139 10.87 -5.27 10.43
N ASN A 140 10.48 -4.01 10.14
CA ASN A 140 10.26 -2.97 11.14
C ASN A 140 8.80 -2.76 11.47
N LEU A 141 7.91 -3.62 10.94
CA LEU A 141 6.48 -3.43 11.18
C LEU A 141 6.16 -3.56 12.65
N LYS A 142 5.35 -2.61 13.12
CA LYS A 142 4.88 -2.60 14.52
C LYS A 142 3.40 -2.85 14.63
N TYR A 143 2.62 -2.61 13.61
CA TYR A 143 1.15 -2.77 13.67
C TYR A 143 0.69 -3.37 12.35
N LEU A 144 -0.12 -4.40 12.43
CA LEU A 144 -0.75 -5.02 11.23
C LEU A 144 -2.17 -5.31 11.63
N PHE A 145 -3.10 -4.74 10.90
CA PHE A 145 -4.54 -4.92 11.13
C PHE A 145 -5.11 -5.59 9.86
N LEU A 146 -5.71 -6.75 10.06
CA LEU A 146 -6.35 -7.53 8.96
C LEU A 146 -7.83 -7.66 9.28
N SER A 147 -8.71 -7.36 8.34
CA SER A 147 -10.13 -7.40 8.61
C SER A 147 -10.90 -7.83 7.36
N ASP A 148 -11.86 -8.73 7.52
CA ASP A 148 -12.81 -9.06 6.43
C ASP A 148 -12.00 -9.46 5.17
N LEU A 149 -11.16 -10.47 5.33
CA LEU A 149 -10.33 -11.06 4.24
C LEU A 149 -10.78 -12.47 4.13
N PRO A 150 -11.89 -12.76 3.37
CA PRO A 150 -12.41 -14.11 3.37
C PRO A 150 -11.46 -15.11 2.82
N GLY A 151 -10.49 -14.71 2.00
CA GLY A 151 -9.48 -15.57 1.42
C GLY A 151 -8.43 -15.97 2.37
N VAL A 152 -8.34 -15.39 3.59
CA VAL A 152 -7.37 -15.75 4.56
C VAL A 152 -8.02 -16.83 5.43
N LYS A 153 -7.66 -18.08 5.14
CA LYS A 153 -8.37 -19.25 5.70
C LYS A 153 -7.76 -19.84 6.93
N GLU A 154 -6.53 -19.46 7.25
CA GLU A 154 -5.81 -20.10 8.35
C GLU A 154 -5.25 -19.05 9.30
N LYS A 155 -6.10 -18.26 9.90
CA LYS A 155 -5.63 -17.11 10.72
C LYS A 155 -4.71 -17.53 11.88
N GLU A 156 -4.83 -18.73 12.41
CA GLU A 156 -4.01 -19.17 13.53
CA GLU A 156 -4.00 -19.07 13.58
C GLU A 156 -2.57 -19.40 13.11
N LYS A 157 -2.43 -19.92 11.90
CA LYS A 157 -1.12 -20.10 11.29
C LYS A 157 -0.49 -18.76 11.05
N ILE A 158 -1.28 -17.77 10.66
CA ILE A 158 -0.76 -16.43 10.47
CA ILE A 158 -0.79 -16.40 10.46
C ILE A 158 -0.24 -15.87 11.77
N VAL A 159 -1.00 -16.01 12.84
CA VAL A 159 -0.54 -15.53 14.15
C VAL A 159 0.75 -16.16 14.60
N GLN A 160 0.86 -17.47 14.42
CA GLN A 160 2.10 -18.14 14.82
C GLN A 160 3.29 -17.78 13.99
N ALA A 161 3.05 -17.63 12.70
CA ALA A 161 4.10 -17.22 11.75
C ALA A 161 4.70 -15.90 12.15
N PHE A 162 3.83 -14.94 12.40
CA PHE A 162 4.29 -13.59 12.82
C PHE A 162 4.88 -13.59 14.21
N LYS A 163 4.43 -14.50 15.05
CA LYS A 163 4.99 -14.58 16.37
C LYS A 163 6.44 -14.86 16.38
N THR A 164 6.81 -15.63 15.37
CA THR A 164 8.21 -15.99 15.20
C THR A 164 8.99 -14.93 14.38
N SER A 165 8.44 -14.45 13.29
CA SER A 165 9.18 -13.60 12.33
C SER A 165 9.15 -12.16 12.73
N LEU A 166 8.15 -11.73 13.49
CA LEU A 166 7.97 -10.30 13.92
C LEU A 166 7.43 -10.31 15.38
N PRO A 167 8.26 -10.77 16.36
CA PRO A 167 7.74 -10.89 17.75
C PRO A 167 7.21 -9.67 18.38
N SER A 168 7.65 -8.51 17.86
CA SER A 168 7.17 -7.25 18.40
C SER A 168 5.90 -6.71 17.71
N LEU A 169 5.44 -7.39 16.69
CA LEU A 169 4.30 -6.95 15.93
C LEU A 169 2.99 -6.96 16.74
N GLU A 170 2.24 -5.87 16.80
CA GLU A 170 0.88 -5.89 17.29
C GLU A 170 0.01 -6.29 16.11
N LEU A 171 -0.55 -7.52 16.16
CA LEU A 171 -1.34 -8.06 15.07
C LEU A 171 -2.75 -8.04 15.53
N LYS A 172 -3.61 -7.29 14.85
CA LYS A 172 -5.01 -7.14 15.17
C LYS A 172 -5.76 -7.84 14.07
N LEU A 173 -6.57 -8.85 14.43
CA LEU A 173 -7.29 -9.67 13.45
C LEU A 173 -8.79 -9.53 13.69
N ASP A 174 -9.51 -9.13 12.68
CA ASP A 174 -10.96 -9.23 12.63
C ASP A 174 -11.32 -10.11 11.43
N LEU A 175 -11.06 -11.39 11.59
CA LEU A 175 -11.18 -12.34 10.50
C LEU A 175 -12.10 -13.47 10.92
N LYS A 176 -12.93 -13.92 10.00
N LYS A 176 -12.86 -13.97 9.97
CA LYS A 176 -13.79 -15.09 10.26
CA LYS A 176 -13.62 -15.22 10.19
C LYS A 176 -12.93 -16.32 10.25
C LYS A 176 -12.67 -16.37 10.28
MG MG B . -10.73 6.51 -1.93
C TRS C . -2.85 3.54 15.02
C1 TRS C . -4.24 3.50 15.56
C2 TRS C . -2.88 3.99 13.62
C3 TRS C . -2.03 2.25 15.21
N TRS C . -2.29 4.76 15.84
O1 TRS C . -5.14 4.60 15.11
O2 TRS C . -1.70 4.71 13.35
O3 TRS C . -1.85 1.93 16.58
#